data_5E2A
#
_entry.id   5E2A
#
_cell.length_a   107.160
_cell.length_b   107.160
_cell.length_c   205.589
_cell.angle_alpha   90.000
_cell.angle_beta   90.000
_cell.angle_gamma   120.000
#
_symmetry.space_group_name_H-M   'P 65 2 2'
#
loop_
_entity.id
_entity.type
_entity.pdbx_description
1 polymer 'N-terminal Xaa-Pro-Lys N-methyltransferase 1'
2 polymer RCC1
3 non-polymer S-ADENOSYL-L-HOMOCYSTEINE
4 non-polymer GLYCEROL
5 non-polymer 'UNKNOWN ATOM OR ION'
6 water water
#
loop_
_entity_poly.entity_id
_entity_poly.type
_entity_poly.pdbx_seq_one_letter_code
_entity_poly.pdbx_strand_id
1 'polypeptide(L)'
;MGSSHHHHHHSSGLVPRGSTSEVIEDEKQFYSKAKTYWKQIPPTVDGMLGGYGHISSIDINSSRKFLQRFLREGPNKTGT
SCALDCGAGIGRITKRLLLPLFREVDMVDITEDFLVQAKTYLGEEGKRVRNYFCCGLQDFTPEPDSYDVIWIQWVIGHLT
DQHLAEFLRRCKGSLRPNGIIVIKDNMAQEGVILDDVDSSVCRDLDVVRRIICSAGLSLLAEERQENLPDEIYHVYSFAL
R
;
A,B
2 'polypeptide(L)' (5JP)PKRIA D,E
#
loop_
_chem_comp.id
_chem_comp.type
_chem_comp.name
_chem_comp.formula
5JP non-polymer N-methyl-L-serine 'C4 H9 N O3'
GOL non-polymer GLYCEROL 'C3 H8 O3'
UNX non-polymer 'UNKNOWN ATOM OR ION' ?
#
# COMPACT_ATOMS: atom_id res chain seq x y z
N VAL A 15 5.54 37.40 8.31
CA VAL A 15 5.49 37.29 6.81
C VAL A 15 6.01 35.91 6.34
N PRO A 16 5.16 35.13 5.63
CA PRO A 16 5.71 33.90 5.08
C PRO A 16 6.68 34.18 3.93
N ARG A 17 7.54 33.20 3.71
CA ARG A 17 8.51 33.27 2.65
C ARG A 17 7.79 32.86 1.36
N GLY A 18 8.13 33.47 0.23
CA GLY A 18 7.54 33.10 -1.07
C GLY A 18 8.46 32.54 -2.08
N SER A 19 9.74 32.49 -1.76
CA SER A 19 10.69 31.92 -2.70
CA SER A 19 10.77 32.09 -2.70
C SER A 19 11.80 31.20 -2.00
N THR A 20 12.36 30.24 -2.74
CA THR A 20 13.48 29.47 -2.21
C THR A 20 14.68 30.36 -1.92
N SER A 21 14.82 31.51 -2.61
CA SER A 21 15.92 32.41 -2.28
C SER A 21 15.83 33.05 -0.90
N GLU A 22 14.67 32.95 -0.24
CA GLU A 22 14.56 33.37 1.16
C GLU A 22 14.94 32.29 2.16
N VAL A 23 15.02 31.06 1.70
CA VAL A 23 15.28 29.96 2.63
C VAL A 23 16.52 29.10 2.40
N ILE A 24 17.15 29.20 1.22
CA ILE A 24 18.32 28.38 0.92
C ILE A 24 19.57 29.20 1.12
N GLU A 25 20.39 28.82 2.11
CA GLU A 25 21.55 29.62 2.41
C GLU A 25 22.61 29.52 1.29
N ASP A 26 22.78 28.31 0.76
CA ASP A 26 23.88 28.01 -0.13
C ASP A 26 23.37 26.96 -1.10
N GLU A 27 23.18 27.37 -2.33
CA GLU A 27 22.56 26.47 -3.31
C GLU A 27 23.37 25.17 -3.54
N LYS A 28 24.69 25.32 -3.64
CA LYS A 28 25.50 24.10 -3.89
C LYS A 28 25.33 23.11 -2.75
N GLN A 29 25.29 23.59 -1.52
CA GLN A 29 25.08 22.73 -0.35
C GLN A 29 23.66 22.15 -0.28
N PHE A 30 22.68 22.94 -0.72
CA PHE A 30 21.29 22.49 -0.77
C PHE A 30 21.23 21.20 -1.65
N TYR A 31 21.89 21.24 -2.82
CA TYR A 31 21.89 20.05 -3.69
C TYR A 31 22.82 18.96 -3.14
N SER A 32 23.99 19.35 -2.65
CA SER A 32 24.96 18.29 -2.19
C SER A 32 24.46 17.55 -0.95
N LYS A 33 23.78 18.25 -0.04
CA LYS A 33 23.25 17.60 1.15
CA LYS A 33 23.24 17.62 1.16
C LYS A 33 22.11 16.62 0.79
N ALA A 34 21.26 17.03 -0.15
CA ALA A 34 20.17 16.16 -0.60
C ALA A 34 20.75 14.90 -1.21
N LYS A 35 21.79 15.05 -2.03
CA LYS A 35 22.41 13.84 -2.67
C LYS A 35 22.97 12.85 -1.64
N THR A 36 23.70 13.38 -0.67
CA THR A 36 24.17 12.58 0.44
C THR A 36 23.03 11.91 1.22
N TYR A 37 21.95 12.66 1.46
CA TYR A 37 20.82 12.11 2.20
C TYR A 37 20.28 10.87 1.47
N TRP A 38 19.99 10.99 0.19
CA TRP A 38 19.34 9.88 -0.55
C TRP A 38 20.30 8.72 -0.73
N LYS A 39 21.59 9.00 -0.81
CA LYS A 39 22.59 7.90 -0.88
CA LYS A 39 22.59 7.90 -0.86
C LYS A 39 22.52 6.95 0.34
N GLN A 40 21.98 7.41 1.47
CA GLN A 40 21.94 6.56 2.68
C GLN A 40 20.53 6.15 3.06
N ILE A 41 19.59 6.24 2.11
CA ILE A 41 18.25 5.73 2.30
C ILE A 41 18.18 4.33 1.68
N PRO A 42 17.50 3.37 2.37
CA PRO A 42 17.32 2.06 1.76
C PRO A 42 16.58 2.09 0.46
N PRO A 43 17.02 1.26 -0.51
CA PRO A 43 16.38 1.25 -1.83
C PRO A 43 15.11 0.40 -1.82
N THR A 44 14.14 0.86 -1.04
CA THR A 44 12.90 0.15 -0.79
C THR A 44 11.73 1.07 -0.94
N VAL A 45 10.53 0.48 -1.05
CA VAL A 45 9.32 1.35 -1.06
C VAL A 45 9.20 2.24 0.21
N ASP A 46 9.49 1.64 1.37
CA ASP A 46 9.45 2.43 2.59
C ASP A 46 10.50 3.55 2.58
N GLY A 47 11.65 3.29 1.98
CA GLY A 47 12.63 4.32 1.78
C GLY A 47 12.17 5.47 0.86
N MET A 48 11.55 5.10 -0.25
CA MET A 48 10.99 6.06 -1.16
C MET A 48 9.93 6.92 -0.47
N LEU A 49 9.16 6.29 0.43
CA LEU A 49 8.04 6.99 1.05
C LEU A 49 8.33 7.42 2.47
N GLY A 50 9.60 7.50 2.85
CA GLY A 50 9.88 8.13 4.12
C GLY A 50 9.27 7.48 5.36
N GLY A 51 9.18 6.15 5.40
CA GLY A 51 8.50 5.47 6.45
C GLY A 51 6.99 5.30 6.27
N TYR A 52 6.46 5.79 5.17
CA TYR A 52 5.06 5.68 4.84
C TYR A 52 4.85 4.71 3.67
N GLY A 53 5.69 3.65 3.57
CA GLY A 53 5.50 2.66 2.49
C GLY A 53 4.06 2.13 2.41
N HIS A 54 3.46 1.96 3.57
CA HIS A 54 2.08 1.49 3.67
C HIS A 54 1.00 2.32 2.91
N ILE A 55 1.22 3.60 2.65
CA ILE A 55 0.28 4.40 1.86
C ILE A 55 0.42 4.23 0.35
N SER A 56 1.31 3.37 -0.15
CA SER A 56 1.61 3.36 -1.56
C SER A 56 0.39 3.03 -2.42
N SER A 57 -0.44 2.07 -1.98
CA SER A 57 -1.56 1.64 -2.76
C SER A 57 -2.65 2.74 -2.87
N ILE A 58 -2.88 3.46 -1.76
CA ILE A 58 -3.80 4.63 -1.77
C ILE A 58 -3.32 5.64 -2.81
N ASP A 59 -2.01 5.93 -2.79
CA ASP A 59 -1.41 6.88 -3.69
C ASP A 59 -1.57 6.42 -5.16
N ILE A 60 -1.21 5.17 -5.43
CA ILE A 60 -1.24 4.68 -6.82
C ILE A 60 -2.65 4.65 -7.35
N ASN A 61 -3.62 4.19 -6.55
CA ASN A 61 -5.01 4.17 -6.98
C ASN A 61 -5.50 5.58 -7.38
N SER A 62 -5.20 6.55 -6.55
CA SER A 62 -5.58 7.93 -6.84
C SER A 62 -4.89 8.47 -8.07
N SER A 63 -3.61 8.21 -8.20
CA SER A 63 -2.88 8.68 -9.37
C SER A 63 -3.46 8.07 -10.62
N ARG A 64 -3.80 6.78 -10.55
CA ARG A 64 -4.36 6.15 -11.74
C ARG A 64 -5.68 6.81 -12.20
N LYS A 65 -6.57 7.03 -11.26
CA LYS A 65 -7.85 7.67 -11.55
C LYS A 65 -7.64 9.06 -12.14
N PHE A 66 -6.73 9.79 -11.54
CA PHE A 66 -6.34 11.13 -12.00
C PHE A 66 -5.85 11.12 -13.46
N LEU A 67 -4.95 10.20 -13.76
CA LEU A 67 -4.39 10.07 -15.08
C LEU A 67 -5.39 9.62 -16.10
N GLN A 68 -6.27 8.72 -15.70
CA GLN A 68 -7.26 8.18 -16.66
C GLN A 68 -8.21 9.23 -17.23
N ARG A 69 -8.41 10.31 -16.50
CA ARG A 69 -9.23 11.42 -16.99
CA ARG A 69 -9.13 11.50 -16.98
C ARG A 69 -8.66 11.90 -18.40
N PHE A 70 -7.34 11.83 -18.58
CA PHE A 70 -6.68 12.34 -19.79
C PHE A 70 -6.53 11.35 -20.91
N LEU A 71 -6.88 10.08 -20.64
CA LEU A 71 -6.72 8.99 -21.61
C LEU A 71 -7.96 8.65 -22.35
N ARG A 72 -9.09 9.35 -22.10
CA ARG A 72 -10.34 9.15 -22.79
C ARG A 72 -10.18 9.48 -24.27
N GLU A 73 -10.95 8.80 -25.10
CA GLU A 73 -10.92 9.10 -26.54
C GLU A 73 -11.47 10.52 -26.74
N GLY A 74 -10.94 11.18 -27.75
CA GLY A 74 -11.37 12.53 -28.17
C GLY A 74 -10.18 13.29 -28.68
N PRO A 75 -10.37 14.56 -29.05
CA PRO A 75 -9.37 15.39 -29.71
C PRO A 75 -8.19 15.60 -28.94
N ASN A 76 -8.29 15.59 -27.61
CA ASN A 76 -7.17 15.85 -26.79
C ASN A 76 -6.54 14.68 -26.05
N LYS A 77 -6.92 13.47 -26.45
CA LYS A 77 -6.49 12.25 -25.75
C LYS A 77 -4.99 12.20 -25.66
N THR A 78 -4.48 12.03 -24.44
CA THR A 78 -3.05 11.82 -24.20
C THR A 78 -2.70 10.41 -24.69
N GLY A 79 -1.58 10.32 -25.38
CA GLY A 79 -1.09 9.02 -25.89
C GLY A 79 -0.53 8.10 -24.81
N THR A 80 -0.19 6.88 -25.26
CA THR A 80 0.24 5.86 -24.33
C THR A 80 1.51 5.16 -24.83
N SER A 81 2.31 5.86 -25.61
CA SER A 81 3.56 5.30 -26.16
CA SER A 81 3.53 5.27 -26.17
C SER A 81 4.73 5.39 -25.15
N CYS A 82 4.83 6.49 -24.42
CA CYS A 82 6.01 6.71 -23.58
C CYS A 82 5.75 7.70 -22.46
N ALA A 83 6.14 7.30 -21.26
CA ALA A 83 6.13 8.17 -20.11
C ALA A 83 7.54 8.37 -19.58
N LEU A 84 7.71 9.48 -18.85
CA LEU A 84 8.97 9.78 -18.14
C LEU A 84 8.64 9.87 -16.64
N ASP A 85 9.28 9.06 -15.80
CA ASP A 85 9.15 9.13 -14.35
C ASP A 85 10.31 9.89 -13.77
N CYS A 86 10.00 11.07 -13.18
CA CYS A 86 11.02 12.00 -12.68
C CYS A 86 11.21 11.88 -11.18
N GLY A 87 12.46 11.82 -10.72
CA GLY A 87 12.74 11.44 -9.33
C GLY A 87 12.16 10.07 -9.04
N ALA A 88 12.34 9.20 -10.00
CA ALA A 88 11.66 7.87 -10.01
C ALA A 88 12.06 6.94 -8.88
N GLY A 89 13.23 7.16 -8.30
CA GLY A 89 13.73 6.23 -7.29
C GLY A 89 13.87 4.84 -7.84
N ILE A 90 13.42 3.87 -7.03
CA ILE A 90 13.51 2.48 -7.42
C ILE A 90 12.41 2.11 -8.45
N GLY A 91 11.50 3.02 -8.73
CA GLY A 91 10.44 2.78 -9.71
C GLY A 91 9.11 2.33 -9.15
N ARG A 92 8.78 2.71 -7.93
CA ARG A 92 7.48 2.42 -7.31
C ARG A 92 6.34 2.80 -8.28
N ILE A 93 6.44 4.01 -8.82
CA ILE A 93 5.36 4.54 -9.66
C ILE A 93 5.46 3.91 -11.05
N THR A 94 6.67 3.79 -11.54
CA THR A 94 6.94 3.09 -12.81
C THR A 94 6.32 1.70 -12.80
N LYS A 95 6.50 0.96 -11.69
CA LYS A 95 6.03 -0.40 -11.66
C LYS A 95 4.51 -0.50 -11.71
N ARG A 96 3.86 0.26 -10.82
CA ARG A 96 2.45 0.02 -10.54
C ARG A 96 1.50 0.92 -11.32
N LEU A 97 1.94 2.11 -11.69
CA LEU A 97 1.12 3.04 -12.45
C LEU A 97 1.48 3.09 -13.92
N LEU A 98 2.76 3.32 -14.21
CA LEU A 98 3.13 3.71 -15.58
C LEU A 98 3.36 2.54 -16.55
N LEU A 99 4.14 1.55 -16.16
CA LEU A 99 4.35 0.37 -17.04
C LEU A 99 3.09 -0.31 -17.54
N PRO A 100 2.06 -0.41 -16.69
CA PRO A 100 0.83 -1.00 -17.20
C PRO A 100 0.10 -0.21 -18.26
N LEU A 101 0.32 1.07 -18.35
CA LEU A 101 -0.42 1.99 -19.21
C LEU A 101 0.38 2.50 -20.41
N PHE A 102 1.70 2.45 -20.35
CA PHE A 102 2.60 3.03 -21.38
C PHE A 102 3.49 1.98 -22.01
N ARG A 103 3.62 2.01 -23.33
CA ARG A 103 4.43 0.97 -24.00
C ARG A 103 5.86 0.93 -23.45
N GLU A 104 6.42 2.12 -23.25
CA GLU A 104 7.76 2.26 -22.68
C GLU A 104 7.74 3.32 -21.63
N VAL A 105 8.71 3.26 -20.73
CA VAL A 105 8.90 4.25 -19.70
C VAL A 105 10.37 4.57 -19.60
N ASP A 106 10.68 5.85 -19.43
CA ASP A 106 12.04 6.28 -19.07
C ASP A 106 12.01 6.71 -17.61
N MET A 107 13.10 6.47 -16.89
CA MET A 107 13.28 6.91 -15.51
C MET A 107 14.45 7.87 -15.41
N VAL A 108 14.29 8.88 -14.54
CA VAL A 108 15.39 9.77 -14.19
C VAL A 108 15.44 9.95 -12.70
N ASP A 109 16.64 9.80 -12.16
CA ASP A 109 16.83 9.97 -10.71
C ASP A 109 18.28 10.27 -10.43
N ILE A 110 18.52 11.06 -9.39
CA ILE A 110 19.88 11.38 -9.04
C ILE A 110 20.66 10.22 -8.35
N THR A 111 19.96 9.23 -7.80
CA THR A 111 20.59 8.27 -6.94
C THR A 111 20.84 6.93 -7.66
N GLU A 112 22.09 6.72 -8.04
CA GLU A 112 22.45 5.57 -8.89
C GLU A 112 21.96 4.28 -8.24
N ASP A 113 22.13 4.15 -6.94
CA ASP A 113 21.76 2.88 -6.23
C ASP A 113 20.28 2.54 -6.40
N PHE A 114 19.45 3.57 -6.51
CA PHE A 114 18.00 3.36 -6.72
C PHE A 114 17.70 2.81 -8.11
N LEU A 115 18.40 3.35 -9.13
CA LEU A 115 18.21 2.91 -10.51
C LEU A 115 18.76 1.47 -10.66
N VAL A 116 19.83 1.15 -9.98
CA VAL A 116 20.34 -0.26 -9.99
C VAL A 116 19.28 -1.17 -9.36
N GLN A 117 18.76 -0.79 -8.19
CA GLN A 117 17.73 -1.57 -7.54
C GLN A 117 16.47 -1.75 -8.41
N ALA A 118 16.11 -0.70 -9.14
CA ALA A 118 14.96 -0.72 -10.03
C ALA A 118 14.98 -1.92 -10.98
N LYS A 119 16.15 -2.29 -11.45
CA LYS A 119 16.21 -3.36 -12.41
C LYS A 119 15.68 -4.66 -11.76
N THR A 120 15.97 -4.85 -10.47
CA THR A 120 15.43 -5.98 -9.73
C THR A 120 13.94 -5.76 -9.37
N TYR A 121 13.66 -4.63 -8.76
CA TYR A 121 12.30 -4.27 -8.30
C TYR A 121 11.25 -4.38 -9.41
N LEU A 122 11.60 -3.92 -10.61
CA LEU A 122 10.62 -3.90 -11.69
C LEU A 122 10.37 -5.26 -12.32
N GLY A 123 11.25 -6.22 -12.11
CA GLY A 123 11.05 -7.57 -12.67
C GLY A 123 10.97 -7.59 -14.19
N GLU A 124 10.19 -8.54 -14.72
CA GLU A 124 10.10 -8.76 -16.15
C GLU A 124 9.54 -7.55 -16.90
N GLU A 125 8.53 -6.91 -16.31
CA GLU A 125 7.92 -5.73 -16.94
C GLU A 125 8.93 -4.62 -17.08
N GLY A 126 9.93 -4.59 -16.21
CA GLY A 126 10.99 -3.59 -16.30
C GLY A 126 11.83 -3.68 -17.57
N LYS A 127 11.69 -4.77 -18.34
CA LYS A 127 12.32 -4.84 -19.65
C LYS A 127 11.79 -3.74 -20.60
N ARG A 128 10.61 -3.17 -20.29
CA ARG A 128 10.07 -2.05 -21.08
C ARG A 128 10.51 -0.65 -20.60
N VAL A 129 11.30 -0.58 -19.54
CA VAL A 129 12.00 0.66 -19.21
C VAL A 129 13.11 0.82 -20.22
N ARG A 130 13.13 1.94 -20.87
CA ARG A 130 14.01 2.15 -21.98
C ARG A 130 15.27 2.82 -21.39
N ASN A 131 15.21 4.09 -21.07
CA ASN A 131 16.38 4.82 -20.52
C ASN A 131 16.29 4.92 -19.00
N TYR A 132 17.41 4.57 -18.35
CA TYR A 132 17.63 4.89 -16.95
C TYR A 132 18.63 6.02 -16.88
N PHE A 133 18.14 7.22 -16.63
CA PHE A 133 18.98 8.39 -16.60
C PHE A 133 19.39 8.68 -15.15
N CYS A 134 20.68 8.70 -14.90
CA CYS A 134 21.14 9.00 -13.53
C CYS A 134 21.70 10.43 -13.56
N CYS A 135 20.89 11.36 -13.08
N CYS A 135 20.90 11.41 -13.16
CA CYS A 135 21.11 12.78 -13.27
CA CYS A 135 21.40 12.76 -12.95
C CYS A 135 20.19 13.56 -12.34
C CYS A 135 20.29 13.52 -12.27
N GLY A 136 20.62 14.72 -11.85
CA GLY A 136 19.66 15.58 -11.23
C GLY A 136 18.73 16.22 -12.22
N LEU A 137 17.48 16.49 -11.84
CA LEU A 137 16.52 17.11 -12.73
C LEU A 137 17.06 18.43 -13.21
N GLN A 138 17.78 19.09 -12.29
CA GLN A 138 18.36 20.41 -12.65
C GLN A 138 19.37 20.38 -13.79
N ASP A 139 19.91 19.20 -14.07
CA ASP A 139 20.85 18.96 -15.14
C ASP A 139 20.28 18.13 -16.31
N PHE A 140 19.00 17.84 -16.27
CA PHE A 140 18.41 16.91 -17.26
C PHE A 140 17.58 17.64 -18.32
N THR A 141 17.88 17.38 -19.58
CA THR A 141 17.11 17.93 -20.69
C THR A 141 16.46 16.80 -21.47
N PRO A 142 15.18 16.54 -21.17
CA PRO A 142 14.53 15.42 -21.91
C PRO A 142 14.44 15.69 -23.42
N GLU A 143 14.46 14.61 -24.18
CA GLU A 143 14.46 14.73 -25.63
C GLU A 143 13.16 15.42 -26.09
N PRO A 144 13.26 16.37 -27.04
CA PRO A 144 12.05 16.98 -27.59
C PRO A 144 11.08 15.96 -28.13
N ASP A 145 9.78 16.25 -27.98
CA ASP A 145 8.73 15.50 -28.65
C ASP A 145 8.82 13.99 -28.36
N SER A 146 9.00 13.64 -27.11
CA SER A 146 9.26 12.23 -26.73
C SER A 146 8.28 11.58 -25.78
N TYR A 147 7.60 12.36 -24.94
CA TYR A 147 6.79 11.77 -23.87
C TYR A 147 5.32 12.21 -23.93
N ASP A 148 4.45 11.24 -23.75
CA ASP A 148 3.04 11.51 -23.59
C ASP A 148 2.71 12.04 -22.20
N VAL A 149 3.34 11.45 -21.19
CA VAL A 149 3.17 11.85 -19.81
C VAL A 149 4.54 11.98 -19.16
N ILE A 150 4.75 13.12 -18.49
CA ILE A 150 5.93 13.37 -17.67
C ILE A 150 5.42 13.43 -16.26
N TRP A 151 5.82 12.46 -15.43
CA TRP A 151 5.29 12.29 -14.09
C TRP A 151 6.32 12.73 -13.07
N ILE A 152 6.03 13.78 -12.32
CA ILE A 152 6.99 14.36 -11.34
C ILE A 152 6.39 14.27 -9.95
N GLN A 153 6.85 13.31 -9.14
CA GLN A 153 6.22 13.02 -7.86
C GLN A 153 7.25 12.98 -6.72
N TRP A 154 6.96 13.75 -5.68
CA TRP A 154 7.72 13.77 -4.47
C TRP A 154 9.23 14.06 -4.75
N VAL A 155 9.44 15.10 -5.54
CA VAL A 155 10.81 15.54 -5.86
C VAL A 155 10.91 17.03 -6.15
N ILE A 156 9.79 17.76 -6.40
CA ILE A 156 9.98 19.16 -6.76
C ILE A 156 10.60 20.00 -5.64
N GLY A 157 10.42 19.59 -4.41
CA GLY A 157 11.02 20.26 -3.28
C GLY A 157 12.54 20.20 -3.26
N HIS A 158 13.13 19.36 -4.10
CA HIS A 158 14.58 19.29 -4.22
C HIS A 158 15.19 20.22 -5.22
N LEU A 159 14.36 21.01 -5.93
CA LEU A 159 14.89 22.02 -6.85
C LEU A 159 14.57 23.42 -6.35
N THR A 160 15.48 24.34 -6.64
CA THR A 160 15.25 25.77 -6.39
C THR A 160 14.11 26.22 -7.30
N ASP A 161 13.56 27.38 -7.02
CA ASP A 161 12.47 27.90 -7.88
C ASP A 161 12.93 28.13 -9.30
N GLN A 162 14.16 28.64 -9.45
CA GLN A 162 14.66 28.91 -10.79
C GLN A 162 14.84 27.58 -11.53
N HIS A 163 15.43 26.60 -10.82
CA HIS A 163 15.69 25.31 -11.51
C HIS A 163 14.39 24.56 -11.76
N LEU A 164 13.41 24.69 -10.86
CA LEU A 164 12.13 24.04 -11.09
C LEU A 164 11.43 24.66 -12.34
N ALA A 165 11.37 25.97 -12.39
CA ALA A 165 10.79 26.68 -13.57
C ALA A 165 11.48 26.23 -14.86
N GLU A 166 12.80 26.23 -14.85
CA GLU A 166 13.58 25.80 -16.03
C GLU A 166 13.31 24.32 -16.41
N PHE A 167 13.30 23.48 -15.41
CA PHE A 167 13.01 22.05 -15.70
C PHE A 167 11.62 21.88 -16.32
N LEU A 168 10.62 22.58 -15.79
CA LEU A 168 9.26 22.51 -16.35
C LEU A 168 9.26 23.03 -17.80
N ARG A 169 10.00 24.13 -18.10
CA ARG A 169 10.10 24.56 -19.48
C ARG A 169 10.68 23.45 -20.42
N ARG A 170 11.75 22.82 -19.96
CA ARG A 170 12.36 21.72 -20.70
C ARG A 170 11.39 20.55 -20.89
N CYS A 171 10.65 20.21 -19.85
CA CYS A 171 9.60 19.19 -19.92
C CYS A 171 8.53 19.56 -20.95
N LYS A 172 8.08 20.81 -20.97
CA LYS A 172 7.10 21.27 -21.96
C LYS A 172 7.59 20.95 -23.37
N GLY A 173 8.88 21.20 -23.64
CA GLY A 173 9.45 20.97 -24.94
C GLY A 173 9.59 19.50 -25.32
N SER A 174 9.46 18.63 -24.34
CA SER A 174 9.63 17.19 -24.58
CA SER A 174 9.62 17.19 -24.53
CA SER A 174 9.62 17.17 -24.45
C SER A 174 8.27 16.47 -24.71
N LEU A 175 7.17 17.20 -24.60
CA LEU A 175 5.83 16.56 -24.70
C LEU A 175 5.48 16.31 -26.16
N ARG A 176 4.94 15.11 -26.38
CA ARG A 176 4.29 14.77 -27.64
C ARG A 176 2.96 15.58 -27.77
N PRO A 177 2.38 15.62 -28.97
CA PRO A 177 1.06 16.24 -29.10
C PRO A 177 0.10 15.60 -28.10
N ASN A 178 -0.67 16.49 -27.47
CA ASN A 178 -1.62 16.05 -26.41
C ASN A 178 -1.01 15.57 -25.09
N GLY A 179 0.30 15.71 -24.96
CA GLY A 179 0.99 15.27 -23.77
C GLY A 179 0.71 16.18 -22.58
N ILE A 180 0.94 15.63 -21.41
CA ILE A 180 0.78 16.34 -20.15
C ILE A 180 1.96 16.09 -19.21
N ILE A 181 2.16 17.08 -18.33
CA ILE A 181 3.04 16.96 -17.19
C ILE A 181 2.13 16.82 -15.98
N VAL A 182 2.51 15.90 -15.09
CA VAL A 182 1.80 15.76 -13.82
C VAL A 182 2.83 16.02 -12.71
N ILE A 183 2.47 16.91 -11.78
CA ILE A 183 3.20 17.11 -10.56
C ILE A 183 2.29 16.58 -9.43
N LYS A 184 2.87 15.74 -8.57
CA LYS A 184 2.17 15.29 -7.36
C LYS A 184 3.14 15.43 -6.22
N ASP A 185 2.80 16.23 -5.23
CA ASP A 185 3.82 16.54 -4.22
C ASP A 185 3.20 17.08 -2.97
N ASN A 186 4.05 17.15 -1.95
CA ASN A 186 3.72 17.80 -0.71
C ASN A 186 3.53 19.30 -0.93
N MET A 187 2.51 19.84 -0.27
CA MET A 187 2.20 21.28 -0.30
C MET A 187 2.14 21.81 1.13
N ALA A 188 2.73 22.98 1.38
CA ALA A 188 2.67 23.70 2.63
C ALA A 188 1.36 24.47 2.73
N GLN A 189 0.86 24.63 3.94
CA GLN A 189 -0.33 25.44 4.16
CA GLN A 189 -0.35 25.42 4.11
C GLN A 189 -0.05 26.88 3.74
N GLU A 190 1.16 27.39 4.04
CA GLU A 190 1.52 28.77 3.74
C GLU A 190 3.04 28.90 3.62
N GLY A 191 3.48 29.54 2.57
CA GLY A 191 4.89 29.91 2.40
C GLY A 191 5.76 28.83 1.82
N VAL A 192 7.03 28.88 2.18
CA VAL A 192 8.08 27.99 1.62
C VAL A 192 8.89 27.58 2.80
N ILE A 193 8.87 26.27 3.10
CA ILE A 193 9.38 25.76 4.34
C ILE A 193 10.56 24.83 4.06
N LEU A 194 11.71 25.13 4.68
CA LEU A 194 12.94 24.33 4.50
C LEU A 194 12.95 23.11 5.45
N ASP A 195 13.20 21.94 4.89
CA ASP A 195 13.57 20.75 5.68
C ASP A 195 15.12 20.59 5.54
N ASP A 196 15.85 20.92 6.60
CA ASP A 196 17.30 20.90 6.49
C ASP A 196 17.92 19.52 6.73
N VAL A 197 17.10 18.53 7.01
CA VAL A 197 17.56 17.16 7.19
C VAL A 197 17.67 16.48 5.83
N ASP A 198 16.59 16.45 5.05
CA ASP A 198 16.68 15.88 3.68
C ASP A 198 17.09 16.92 2.61
N SER A 199 17.15 18.17 3.03
CA SER A 199 17.58 19.28 2.15
C SER A 199 16.59 19.44 1.00
N SER A 200 15.39 19.91 1.36
CA SER A 200 14.27 20.08 0.43
C SER A 200 13.40 21.24 0.98
N VAL A 201 12.53 21.75 0.12
CA VAL A 201 11.50 22.67 0.56
C VAL A 201 10.09 22.15 0.25
N CYS A 202 9.12 22.66 0.97
CA CYS A 202 7.71 22.39 0.79
C CYS A 202 7.12 23.78 0.50
N ARG A 203 6.39 23.97 -0.59
CA ARG A 203 5.83 25.25 -1.01
C ARG A 203 4.30 25.21 -0.96
N ASP A 204 3.70 26.37 -0.68
CA ASP A 204 2.25 26.46 -0.70
C ASP A 204 1.67 26.46 -2.13
N LEU A 205 0.36 26.26 -2.23
CA LEU A 205 -0.25 26.11 -3.55
C LEU A 205 -0.04 27.37 -4.43
N ASP A 206 -0.12 28.56 -3.84
CA ASP A 206 0.10 29.80 -4.59
C ASP A 206 1.49 29.85 -5.19
N VAL A 207 2.50 29.42 -4.42
CA VAL A 207 3.88 29.43 -4.92
C VAL A 207 4.05 28.46 -6.09
N VAL A 208 3.47 27.26 -5.94
CA VAL A 208 3.62 26.23 -6.95
C VAL A 208 2.90 26.73 -8.23
N ARG A 209 1.70 27.26 -8.08
CA ARG A 209 0.97 27.75 -9.26
C ARG A 209 1.77 28.88 -9.97
N ARG A 210 2.43 29.73 -9.17
CA ARG A 210 3.23 30.80 -9.74
C ARG A 210 4.36 30.26 -10.58
N ILE A 211 5.01 29.23 -10.09
CA ILE A 211 6.12 28.60 -10.79
C ILE A 211 5.64 27.94 -12.08
N ILE A 212 4.50 27.23 -11.99
CA ILE A 212 3.92 26.63 -13.18
C ILE A 212 3.64 27.68 -14.26
N CYS A 213 3.02 28.79 -13.86
CA CYS A 213 2.71 29.88 -14.79
C CYS A 213 4.00 30.43 -15.40
N SER A 214 5.02 30.61 -14.56
CA SER A 214 6.33 31.13 -15.04
CA SER A 214 6.29 31.16 -15.10
C SER A 214 6.95 30.24 -16.10
N ALA A 215 6.70 28.93 -16.01
CA ALA A 215 7.20 27.96 -16.99
C ALA A 215 6.42 27.93 -18.31
N GLY A 216 5.39 28.77 -18.43
CA GLY A 216 4.60 28.79 -19.69
C GLY A 216 3.60 27.63 -19.73
N LEU A 217 3.18 27.13 -18.56
CA LEU A 217 2.24 26.03 -18.49
C LEU A 217 0.92 26.46 -17.86
N SER A 218 -0.11 25.67 -18.13
CA SER A 218 -1.46 25.94 -17.64
C SER A 218 -1.97 24.70 -16.93
N LEU A 219 -2.90 24.93 -16.01
CA LEU A 219 -3.51 23.82 -15.29
CA LEU A 219 -3.50 23.81 -15.27
C LEU A 219 -4.68 23.24 -16.05
N LEU A 220 -4.67 21.93 -16.20
CA LEU A 220 -5.80 21.17 -16.66
C LEU A 220 -6.65 20.66 -15.50
N ALA A 221 -6.03 20.36 -14.39
CA ALA A 221 -6.76 19.86 -13.25
C ALA A 221 -5.86 19.92 -12.02
N GLU A 222 -6.50 20.01 -10.84
CA GLU A 222 -5.76 20.05 -9.56
C GLU A 222 -6.60 19.24 -8.58
N GLU A 223 -5.99 18.36 -7.80
CA GLU A 223 -6.78 17.51 -6.89
C GLU A 223 -5.99 17.26 -5.63
N ARG A 224 -6.64 17.42 -4.48
CA ARG A 224 -6.03 17.02 -3.21
C ARG A 224 -6.07 15.49 -3.05
N GLN A 225 -4.99 14.90 -2.57
CA GLN A 225 -4.97 13.45 -2.26
C GLN A 225 -5.72 13.20 -0.96
N GLU A 226 -6.70 12.31 -1.04
CA GLU A 226 -7.47 11.92 0.13
CA GLU A 226 -7.50 11.91 0.12
C GLU A 226 -6.90 10.68 0.85
N ASN A 227 -7.42 10.44 2.05
CA ASN A 227 -7.12 9.22 2.78
C ASN A 227 -5.69 9.04 3.25
N LEU A 228 -4.98 10.15 3.38
CA LEU A 228 -3.66 10.15 3.99
C LEU A 228 -3.67 10.34 5.49
N PRO A 229 -2.59 9.90 6.16
CA PRO A 229 -2.47 10.16 7.60
C PRO A 229 -2.61 11.66 7.89
N ASP A 230 -3.31 12.00 8.97
CA ASP A 230 -3.56 13.39 9.36
CA ASP A 230 -3.55 13.40 9.28
C ASP A 230 -2.28 14.21 9.59
N GLU A 231 -1.20 13.55 9.96
CA GLU A 231 -0.03 14.26 10.45
C GLU A 231 0.92 14.76 9.38
N ILE A 232 0.72 14.30 8.14
CA ILE A 232 1.66 14.64 7.06
C ILE A 232 1.19 15.85 6.28
N TYR A 233 2.12 16.45 5.55
CA TYR A 233 1.77 17.55 4.64
C TYR A 233 0.69 17.08 3.65
N HIS A 234 -0.20 17.98 3.32
CA HIS A 234 -1.19 17.69 2.28
C HIS A 234 -0.47 17.46 0.94
N VAL A 235 -1.05 16.62 0.10
CA VAL A 235 -0.45 16.26 -1.15
C VAL A 235 -1.47 16.62 -2.26
N TYR A 236 -0.96 17.26 -3.32
CA TYR A 236 -1.86 17.63 -4.43
C TYR A 236 -1.27 17.13 -5.72
N SER A 237 -2.16 16.89 -6.67
CA SER A 237 -1.77 16.55 -8.04
C SER A 237 -2.21 17.69 -8.96
N PHE A 238 -1.36 17.98 -9.93
CA PHE A 238 -1.63 19.00 -10.94
C PHE A 238 -1.35 18.37 -12.31
N ALA A 239 -2.26 18.53 -13.25
CA ALA A 239 -2.04 18.12 -14.65
C ALA A 239 -1.87 19.39 -15.46
N LEU A 240 -0.81 19.43 -16.23
CA LEU A 240 -0.37 20.65 -16.91
C LEU A 240 -0.12 20.42 -18.39
N ARG A 241 -0.30 21.46 -19.20
CA ARG A 241 0.25 21.53 -20.57
C ARG A 241 0.59 22.92 -20.96
N ARG B 17 -26.64 -0.08 8.68
CA ARG B 17 -26.77 -1.16 7.63
C ARG B 17 -26.31 -2.52 8.16
N GLY B 18 -27.13 -3.56 7.98
CA GLY B 18 -26.97 -4.83 8.75
C GLY B 18 -26.22 -6.00 8.14
N SER B 19 -25.78 -5.86 6.89
CA SER B 19 -25.23 -6.99 6.14
C SER B 19 -24.42 -6.50 4.95
N THR B 20 -23.58 -7.36 4.38
CA THR B 20 -22.78 -6.96 3.20
C THR B 20 -23.62 -6.66 1.98
N SER B 21 -24.74 -7.38 1.83
CA SER B 21 -25.57 -7.19 0.66
CA SER B 21 -25.56 -7.19 0.65
C SER B 21 -26.20 -5.79 0.65
N GLU B 22 -26.32 -5.17 1.83
CA GLU B 22 -26.85 -3.81 1.97
C GLU B 22 -25.77 -2.75 1.64
N VAL B 23 -24.48 -3.03 1.90
CA VAL B 23 -23.43 -2.03 1.66
C VAL B 23 -22.60 -2.22 0.37
N ILE B 24 -22.59 -3.43 -0.19
CA ILE B 24 -21.81 -3.72 -1.39
C ILE B 24 -22.74 -3.51 -2.58
N GLU B 25 -22.44 -2.50 -3.37
CA GLU B 25 -23.19 -2.15 -4.56
C GLU B 25 -22.93 -3.17 -5.68
N ASP B 26 -21.70 -3.66 -5.80
CA ASP B 26 -21.24 -4.46 -6.94
C ASP B 26 -20.22 -5.47 -6.46
N GLU B 27 -20.64 -6.72 -6.35
CA GLU B 27 -19.76 -7.73 -5.80
C GLU B 27 -18.46 -7.95 -6.61
N LYS B 28 -18.61 -8.05 -7.93
CA LYS B 28 -17.44 -8.28 -8.76
C LYS B 28 -16.34 -7.19 -8.44
N GLN B 29 -16.78 -5.96 -8.30
CA GLN B 29 -15.87 -4.83 -8.06
C GLN B 29 -15.34 -4.83 -6.64
N PHE B 30 -16.18 -5.22 -5.68
CA PHE B 30 -15.75 -5.37 -4.31
C PHE B 30 -14.51 -6.30 -4.26
N TYR B 31 -14.58 -7.42 -4.96
CA TYR B 31 -13.45 -8.33 -5.06
C TYR B 31 -12.28 -7.82 -5.93
N SER B 32 -12.59 -7.24 -7.09
CA SER B 32 -11.49 -6.85 -7.98
C SER B 32 -10.71 -5.67 -7.41
N LYS B 33 -11.43 -4.73 -6.80
CA LYS B 33 -10.75 -3.54 -6.22
C LYS B 33 -9.84 -3.98 -5.07
N ALA B 34 -10.27 -4.97 -4.27
CA ALA B 34 -9.44 -5.41 -3.16
C ALA B 34 -8.18 -6.08 -3.68
N LYS B 35 -8.31 -6.84 -4.75
CA LYS B 35 -7.16 -7.60 -5.27
C LYS B 35 -6.08 -6.57 -5.82
N THR B 36 -6.57 -5.54 -6.49
CA THR B 36 -5.74 -4.44 -6.92
C THR B 36 -5.09 -3.71 -5.74
N TYR B 37 -5.90 -3.45 -4.71
CA TYR B 37 -5.34 -2.73 -3.56
C TYR B 37 -4.09 -3.45 -3.00
N TRP B 38 -4.25 -4.76 -2.71
CA TRP B 38 -3.17 -5.48 -2.08
C TRP B 38 -1.98 -5.75 -3.01
N LYS B 39 -2.23 -5.83 -4.33
CA LYS B 39 -1.16 -5.96 -5.31
C LYS B 39 -0.18 -4.81 -5.18
N GLN B 40 -0.66 -3.64 -4.74
CA GLN B 40 0.17 -2.44 -4.65
C GLN B 40 0.78 -2.16 -3.30
N ILE B 41 0.58 -3.06 -2.34
CA ILE B 41 1.05 -2.87 -0.94
C ILE B 41 2.46 -3.47 -0.83
N PRO B 42 3.40 -2.76 -0.20
CA PRO B 42 4.73 -3.35 0.01
C PRO B 42 4.69 -4.62 0.87
N PRO B 43 5.44 -5.64 0.46
CA PRO B 43 5.39 -6.94 1.18
C PRO B 43 6.24 -6.89 2.43
N THR B 44 5.76 -6.15 3.40
CA THR B 44 6.47 -5.89 4.68
C THR B 44 5.44 -6.03 5.76
N VAL B 45 5.92 -6.18 7.01
CA VAL B 45 5.03 -6.22 8.16
C VAL B 45 4.22 -4.93 8.25
N ASP B 46 4.86 -3.78 8.03
CA ASP B 46 4.12 -2.52 8.11
C ASP B 46 3.05 -2.40 7.00
N GLY B 47 3.34 -3.03 5.87
CA GLY B 47 2.36 -3.12 4.79
C GLY B 47 1.19 -4.02 5.18
N MET B 48 1.49 -5.17 5.75
CA MET B 48 0.43 -6.08 6.22
C MET B 48 -0.48 -5.36 7.23
N LEU B 49 0.13 -4.53 8.08
CA LEU B 49 -0.59 -3.89 9.20
C LEU B 49 -0.97 -2.47 8.95
N GLY B 50 -0.93 -2.02 7.70
CA GLY B 50 -1.49 -0.70 7.39
C GLY B 50 -0.92 0.47 8.18
N GLY B 51 0.38 0.41 8.43
CA GLY B 51 1.08 1.42 9.17
C GLY B 51 1.17 1.17 10.66
N TYR B 52 0.54 0.11 11.12
CA TYR B 52 0.59 -0.30 12.51
C TYR B 52 1.52 -1.49 12.72
N GLY B 53 2.59 -1.56 11.96
CA GLY B 53 3.54 -2.65 12.16
C GLY B 53 4.08 -2.75 13.57
N HIS B 54 4.15 -1.61 14.26
CA HIS B 54 4.59 -1.55 15.66
C HIS B 54 3.67 -2.30 16.65
N ILE B 55 2.43 -2.64 16.27
CA ILE B 55 1.60 -3.49 17.17
C ILE B 55 1.79 -4.98 16.96
N SER B 56 2.69 -5.40 16.07
CA SER B 56 2.72 -6.81 15.67
C SER B 56 3.00 -7.69 16.89
N SER B 57 3.97 -7.30 17.72
CA SER B 57 4.30 -8.12 18.92
C SER B 57 3.13 -8.23 19.88
N ILE B 58 2.44 -7.12 20.13
CA ILE B 58 1.27 -7.12 21.02
C ILE B 58 0.26 -8.17 20.51
N ASP B 59 0.02 -8.09 19.22
CA ASP B 59 -0.95 -8.97 18.56
C ASP B 59 -0.54 -10.45 18.67
N ILE B 60 0.69 -10.74 18.29
CA ILE B 60 1.17 -12.14 18.22
C ILE B 60 1.22 -12.72 19.61
N ASN B 61 1.73 -11.95 20.57
CA ASN B 61 1.88 -12.49 21.93
C ASN B 61 0.53 -12.83 22.52
N SER B 62 -0.49 -12.02 22.19
CA SER B 62 -1.87 -12.31 22.68
C SER B 62 -2.44 -13.51 21.97
N SER B 63 -2.23 -13.55 20.65
CA SER B 63 -2.68 -14.68 19.84
C SER B 63 -2.11 -16.00 20.36
N ARG B 64 -0.83 -15.96 20.72
CA ARG B 64 -0.17 -17.19 21.19
C ARG B 64 -0.83 -17.68 22.52
N LYS B 65 -1.13 -16.75 23.42
CA LYS B 65 -1.69 -17.14 24.69
C LYS B 65 -3.09 -17.73 24.46
N PHE B 66 -3.83 -17.08 23.56
CA PHE B 66 -5.18 -17.55 23.20
C PHE B 66 -5.16 -18.96 22.65
N LEU B 67 -4.21 -19.22 21.79
CA LEU B 67 -4.14 -20.51 21.09
C LEU B 67 -3.57 -21.60 21.99
N GLN B 68 -2.57 -21.25 22.80
CA GLN B 68 -1.90 -22.28 23.64
C GLN B 68 -2.83 -22.99 24.57
N ARG B 69 -3.89 -22.32 25.01
CA ARG B 69 -4.93 -22.96 25.83
CA ARG B 69 -4.82 -22.99 25.91
C ARG B 69 -5.48 -24.23 25.18
N PHE B 70 -5.73 -24.14 23.89
CA PHE B 70 -6.32 -25.24 23.14
C PHE B 70 -5.31 -26.33 22.81
N LEU B 71 -4.06 -25.90 22.62
CA LEU B 71 -2.99 -26.86 22.28
C LEU B 71 -2.50 -27.67 23.48
N ARG B 72 -2.73 -27.19 24.74
CA ARG B 72 -2.16 -27.88 25.93
C ARG B 72 -3.17 -28.45 26.93
N GLU B 73 -4.46 -28.09 26.76
CA GLU B 73 -5.49 -28.47 27.71
C GLU B 73 -6.42 -29.50 27.09
N GLY B 74 -6.49 -30.63 27.72
CA GLY B 74 -7.46 -31.65 27.41
C GLY B 74 -8.70 -31.46 28.25
N PRO B 75 -9.62 -32.43 28.22
N PRO B 75 -9.67 -32.37 28.15
CA PRO B 75 -9.46 -33.54 27.28
CA PRO B 75 -9.61 -33.73 27.59
C PRO B 75 -9.75 -33.01 25.88
C PRO B 75 -9.59 -33.83 26.07
N ASN B 76 -9.47 -33.82 24.87
N ASN B 76 -9.98 -32.77 25.36
CA ASN B 76 -9.81 -33.42 23.49
CA ASN B 76 -10.07 -32.80 23.88
C ASN B 76 -8.96 -32.17 23.10
C ASN B 76 -8.98 -31.94 23.27
N LYS B 77 -7.70 -32.23 23.51
CA LYS B 77 -6.68 -31.24 23.20
C LYS B 77 -6.48 -31.10 21.69
N THR B 78 -6.29 -29.91 21.20
CA THR B 78 -5.97 -29.71 19.78
C THR B 78 -4.53 -30.11 19.43
N GLY B 79 -4.36 -30.75 18.27
CA GLY B 79 -3.07 -31.23 17.79
C GLY B 79 -2.18 -30.13 17.27
N THR B 80 -0.94 -30.55 16.94
CA THR B 80 0.07 -29.61 16.51
C THR B 80 0.77 -30.08 15.22
N SER B 81 0.13 -30.91 14.42
CA SER B 81 0.74 -31.43 13.20
C SER B 81 0.73 -30.37 12.06
N CYS B 82 -0.34 -29.60 11.93
CA CYS B 82 -0.52 -28.80 10.74
C CYS B 82 -1.49 -27.66 10.98
N ALA B 83 -1.11 -26.48 10.50
CA ALA B 83 -1.98 -25.31 10.58
C ALA B 83 -2.10 -24.69 9.18
N LEU B 84 -3.23 -24.01 8.94
CA LEU B 84 -3.44 -23.24 7.73
C LEU B 84 -3.56 -21.77 8.10
N ASP B 85 -2.80 -20.92 7.45
CA ASP B 85 -2.82 -19.47 7.73
C ASP B 85 -3.54 -18.84 6.55
N CYS B 86 -4.73 -18.26 6.81
CA CYS B 86 -5.61 -17.76 5.73
C CYS B 86 -5.49 -16.25 5.62
N GLY B 87 -5.36 -15.74 4.39
CA GLY B 87 -4.98 -14.35 4.23
C GLY B 87 -3.60 -14.06 4.80
N ALA B 88 -2.69 -15.00 4.63
CA ALA B 88 -1.40 -15.07 5.38
C ALA B 88 -0.50 -13.91 5.03
N GLY B 89 -0.69 -13.30 3.89
CA GLY B 89 0.25 -12.26 3.47
C GLY B 89 1.65 -12.83 3.29
N ILE B 90 2.64 -12.06 3.74
CA ILE B 90 4.05 -12.48 3.72
C ILE B 90 4.38 -13.47 4.82
N GLY B 91 3.43 -13.80 5.69
CA GLY B 91 3.68 -14.77 6.75
C GLY B 91 4.10 -14.17 8.08
N ARG B 92 3.61 -12.99 8.41
CA ARG B 92 3.89 -12.39 9.73
C ARG B 92 3.47 -13.36 10.86
N ILE B 93 2.27 -13.93 10.71
CA ILE B 93 1.72 -14.84 11.72
C ILE B 93 2.36 -16.19 11.55
N THR B 94 2.50 -16.64 10.33
CA THR B 94 3.20 -17.93 10.07
C THR B 94 4.56 -17.95 10.73
N LYS B 95 5.33 -16.87 10.59
CA LYS B 95 6.66 -16.79 11.23
C LYS B 95 6.65 -16.91 12.74
N ARG B 96 5.93 -16.03 13.40
CA ARG B 96 6.07 -15.90 14.81
C ARG B 96 5.10 -16.66 15.65
N LEU B 97 3.93 -17.01 15.11
CA LEU B 97 2.93 -17.77 15.82
C LEU B 97 2.93 -19.26 15.42
N LEU B 98 2.76 -19.54 14.14
CA LEU B 98 2.39 -20.88 13.71
C LEU B 98 3.57 -21.83 13.50
N LEU B 99 4.60 -21.42 12.73
CA LEU B 99 5.75 -22.31 12.52
C LEU B 99 6.37 -22.84 13.84
N PRO B 100 6.45 -22.01 14.89
CA PRO B 100 7.08 -22.56 16.09
C PRO B 100 6.22 -23.61 16.80
N LEU B 101 4.92 -23.64 16.52
CA LEU B 101 3.98 -24.51 17.23
C LEU B 101 3.49 -25.72 16.42
N PHE B 102 3.52 -25.65 15.10
CA PHE B 102 2.98 -26.73 14.22
C PHE B 102 4.14 -27.30 13.37
N ARG B 103 4.13 -28.62 13.20
CA ARG B 103 5.21 -29.29 12.43
C ARG B 103 5.26 -28.78 11.00
N GLU B 104 4.06 -28.55 10.41
CA GLU B 104 3.93 -27.96 9.11
C GLU B 104 2.85 -26.90 9.07
N VAL B 105 3.00 -25.99 8.13
CA VAL B 105 2.08 -24.89 7.92
C VAL B 105 1.81 -24.73 6.42
N ASP B 106 0.53 -24.53 6.06
CA ASP B 106 0.14 -24.13 4.71
C ASP B 106 -0.30 -22.66 4.79
N MET B 107 -0.04 -21.91 3.71
CA MET B 107 -0.42 -20.52 3.62
C MET B 107 -1.35 -20.36 2.44
N VAL B 108 -2.39 -19.58 2.60
CA VAL B 108 -3.26 -19.21 1.49
C VAL B 108 -3.44 -17.72 1.47
N ASP B 109 -3.21 -17.11 0.31
CA ASP B 109 -3.43 -15.68 0.17
C ASP B 109 -3.72 -15.36 -1.29
N ILE B 110 -4.48 -14.30 -1.55
CA ILE B 110 -4.83 -13.93 -2.90
C ILE B 110 -3.65 -13.26 -3.68
N THR B 111 -2.66 -12.70 -2.95
CA THR B 111 -1.59 -11.89 -3.53
C THR B 111 -0.31 -12.68 -3.77
N GLU B 112 -0.06 -13.05 -5.02
CA GLU B 112 1.09 -13.87 -5.37
C GLU B 112 2.40 -13.29 -4.80
N ASP B 113 2.62 -11.98 -4.96
CA ASP B 113 3.86 -11.39 -4.52
C ASP B 113 4.10 -11.52 -3.03
N PHE B 114 3.06 -11.65 -2.23
CA PHE B 114 3.25 -11.78 -0.80
C PHE B 114 3.74 -13.20 -0.49
N LEU B 115 3.26 -14.17 -1.22
CA LEU B 115 3.69 -15.55 -1.03
C LEU B 115 5.10 -15.74 -1.52
N VAL B 116 5.48 -15.05 -2.61
CA VAL B 116 6.83 -15.05 -3.05
C VAL B 116 7.71 -14.48 -1.98
N GLN B 117 7.33 -13.33 -1.45
CA GLN B 117 8.16 -12.70 -0.41
C GLN B 117 8.27 -13.60 0.85
N ALA B 118 7.21 -14.30 1.18
CA ALA B 118 7.22 -15.19 2.34
C ALA B 118 8.39 -16.15 2.32
N LYS B 119 8.75 -16.65 1.15
CA LYS B 119 9.87 -17.60 1.06
C LYS B 119 11.16 -17.00 1.65
N THR B 120 11.39 -15.73 1.35
CA THR B 120 12.49 -14.97 1.92
C THR B 120 12.24 -14.62 3.39
N TYR B 121 11.11 -14.02 3.67
CA TYR B 121 10.76 -13.52 4.99
C TYR B 121 10.82 -14.61 6.06
N LEU B 122 10.32 -15.79 5.71
CA LEU B 122 10.30 -16.91 6.66
C LEU B 122 11.59 -17.61 6.88
N GLY B 123 12.57 -17.41 6.01
CA GLY B 123 13.89 -17.95 6.20
C GLY B 123 13.94 -19.47 6.34
N GLU B 124 14.87 -19.95 7.15
CA GLU B 124 15.06 -21.41 7.27
C GLU B 124 13.85 -22.10 7.82
N GLU B 125 13.14 -21.50 8.78
CA GLU B 125 11.99 -22.19 9.34
C GLU B 125 10.89 -22.32 8.33
N GLY B 126 10.88 -21.43 7.34
CA GLY B 126 9.92 -21.47 6.25
C GLY B 126 10.00 -22.72 5.37
N LYS B 127 11.07 -23.50 5.48
CA LYS B 127 11.17 -24.76 4.75
C LYS B 127 10.08 -25.71 5.19
N ARG B 128 9.49 -25.48 6.36
CA ARG B 128 8.37 -26.27 6.83
C ARG B 128 7.00 -25.79 6.38
N VAL B 129 6.93 -24.74 5.59
CA VAL B 129 5.71 -24.41 4.90
C VAL B 129 5.55 -25.44 3.78
N ARG B 130 4.43 -26.15 3.82
CA ARG B 130 4.24 -27.30 2.96
C ARG B 130 3.63 -26.85 1.65
N ASN B 131 2.56 -26.07 1.69
CA ASN B 131 1.88 -25.51 0.50
C ASN B 131 1.70 -24.00 0.64
N TYR B 132 1.99 -23.28 -0.43
CA TYR B 132 1.66 -21.88 -0.60
C TYR B 132 0.55 -21.85 -1.64
N PHE B 133 -0.66 -21.50 -1.27
CA PHE B 133 -1.79 -21.54 -2.19
C PHE B 133 -2.10 -20.08 -2.56
N CYS B 134 -1.99 -19.73 -3.82
CA CYS B 134 -2.37 -18.40 -4.28
C CYS B 134 -3.79 -18.47 -4.75
N CYS B 135 -4.72 -17.96 -3.95
CA CYS B 135 -6.18 -18.12 -4.17
C CYS B 135 -6.95 -17.19 -3.28
N GLY B 136 -8.07 -16.65 -3.76
CA GLY B 136 -8.98 -15.91 -2.88
C GLY B 136 -9.68 -16.94 -1.99
N LEU B 137 -9.95 -16.62 -0.75
CA LEU B 137 -10.61 -17.59 0.14
C LEU B 137 -11.99 -18.01 -0.38
N GLN B 138 -12.64 -17.06 -1.04
CA GLN B 138 -13.95 -17.29 -1.68
C GLN B 138 -13.94 -18.40 -2.73
N ASP B 139 -12.74 -18.70 -3.28
CA ASP B 139 -12.54 -19.78 -4.24
C ASP B 139 -11.73 -20.97 -3.70
N PHE B 140 -11.45 -20.98 -2.40
CA PHE B 140 -10.51 -21.92 -1.84
C PHE B 140 -11.20 -23.02 -1.05
N THR B 141 -10.82 -24.27 -1.28
CA THR B 141 -11.35 -25.39 -0.55
C THR B 141 -10.20 -26.08 0.18
N PRO B 142 -10.07 -25.86 1.49
CA PRO B 142 -9.04 -26.64 2.19
C PRO B 142 -9.33 -28.14 2.18
N GLU B 143 -8.28 -28.96 2.08
CA GLU B 143 -8.47 -30.40 1.94
CA GLU B 143 -8.40 -30.40 1.97
C GLU B 143 -9.10 -31.00 3.21
N PRO B 144 -10.00 -31.97 3.03
CA PRO B 144 -10.55 -32.64 4.23
C PRO B 144 -9.50 -33.20 5.20
N ASP B 145 -9.81 -33.15 6.50
CA ASP B 145 -9.04 -33.83 7.52
C ASP B 145 -7.55 -33.44 7.48
N SER B 146 -7.28 -32.14 7.33
CA SER B 146 -5.90 -31.67 7.11
C SER B 146 -5.26 -30.82 8.19
N TYR B 147 -6.08 -30.03 8.90
CA TYR B 147 -5.53 -29.01 9.77
C TYR B 147 -5.98 -29.11 11.21
N ASP B 148 -5.05 -28.96 12.15
CA ASP B 148 -5.42 -28.87 13.56
C ASP B 148 -5.91 -27.48 13.86
N VAL B 149 -5.35 -26.47 13.22
CA VAL B 149 -5.74 -25.09 13.40
C VAL B 149 -5.84 -24.41 12.04
N ILE B 150 -6.97 -23.71 11.81
CA ILE B 150 -7.10 -22.81 10.68
C ILE B 150 -7.22 -21.39 11.26
N TRP B 151 -6.22 -20.59 10.94
CA TRP B 151 -6.05 -19.26 11.45
C TRP B 151 -6.45 -18.24 10.40
N ILE B 152 -7.46 -17.45 10.70
CA ILE B 152 -8.03 -16.47 9.76
C ILE B 152 -7.97 -15.10 10.37
N GLN B 153 -6.99 -14.30 9.97
CA GLN B 153 -6.76 -13.03 10.63
C GLN B 153 -6.67 -11.84 9.65
N TRP B 154 -7.43 -10.79 9.96
CA TRP B 154 -7.34 -9.52 9.17
C TRP B 154 -7.59 -9.78 7.68
N VAL B 155 -8.62 -10.59 7.42
CA VAL B 155 -9.08 -10.88 6.06
C VAL B 155 -10.56 -11.11 5.92
N ILE B 156 -11.32 -11.41 7.01
CA ILE B 156 -12.74 -11.77 6.79
C ILE B 156 -13.56 -10.65 6.17
N GLY B 157 -13.12 -9.43 6.38
CA GLY B 157 -13.76 -8.26 5.78
C GLY B 157 -13.66 -8.16 4.29
N HIS B 158 -12.82 -9.03 3.70
CA HIS B 158 -12.70 -9.13 2.24
C HIS B 158 -13.65 -10.09 1.56
N LEU B 159 -14.47 -10.80 2.36
CA LEU B 159 -15.50 -11.66 1.86
C LEU B 159 -16.88 -11.15 2.17
N THR B 160 -17.81 -11.44 1.25
CA THR B 160 -19.24 -11.18 1.47
C THR B 160 -19.70 -12.07 2.58
N ASP B 161 -20.81 -11.70 3.23
CA ASP B 161 -21.36 -12.57 4.29
C ASP B 161 -21.57 -14.00 3.79
N GLN B 162 -22.20 -14.14 2.62
CA GLN B 162 -22.43 -15.49 2.07
C GLN B 162 -21.10 -16.23 1.82
N HIS B 163 -20.15 -15.57 1.20
CA HIS B 163 -18.84 -16.24 0.97
C HIS B 163 -18.11 -16.59 2.23
N LEU B 164 -18.24 -15.75 3.25
CA LEU B 164 -17.60 -16.02 4.52
C LEU B 164 -18.23 -17.24 5.20
N ALA B 165 -19.56 -17.26 5.21
CA ALA B 165 -20.25 -18.44 5.83
C ALA B 165 -19.86 -19.71 5.08
N GLU B 166 -19.84 -19.67 3.73
CA GLU B 166 -19.50 -20.83 2.91
C GLU B 166 -18.05 -21.26 3.11
N PHE B 167 -17.15 -20.24 3.18
CA PHE B 167 -15.77 -20.56 3.44
C PHE B 167 -15.59 -21.25 4.81
N LEU B 168 -16.22 -20.70 5.82
CA LEU B 168 -16.12 -21.29 7.16
C LEU B 168 -16.65 -22.73 7.16
N ARG B 169 -17.74 -23.01 6.46
CA ARG B 169 -18.24 -24.37 6.39
CA ARG B 169 -18.29 -24.37 6.32
C ARG B 169 -17.23 -25.30 5.72
N ARG B 170 -16.60 -24.82 4.66
CA ARG B 170 -15.53 -25.63 4.03
C ARG B 170 -14.38 -25.86 5.02
N CYS B 171 -14.04 -24.85 5.80
CA CYS B 171 -12.98 -25.00 6.82
C CYS B 171 -13.32 -26.05 7.85
N LYS B 172 -14.56 -26.09 8.28
CA LYS B 172 -14.97 -27.07 9.27
C LYS B 172 -14.66 -28.49 8.79
N GLY B 173 -14.93 -28.77 7.49
CA GLY B 173 -14.65 -30.10 6.92
C GLY B 173 -13.18 -30.47 6.77
N SER B 174 -12.33 -29.47 6.93
N SER B 174 -12.30 -29.48 6.86
CA SER B 174 -10.89 -29.50 6.79
CA SER B 174 -10.84 -29.65 6.77
C SER B 174 -10.19 -29.84 8.12
C SER B 174 -10.15 -29.75 8.14
N LEU B 175 -10.90 -29.70 9.23
CA LEU B 175 -10.32 -29.86 10.56
C LEU B 175 -10.03 -31.33 10.84
N ARG B 176 -8.86 -31.56 11.44
CA ARG B 176 -8.54 -32.82 12.10
C ARG B 176 -9.38 -32.93 13.40
N PRO B 177 -9.43 -34.12 13.99
CA PRO B 177 -10.18 -34.26 15.27
C PRO B 177 -9.63 -33.30 16.32
N ASN B 178 -10.54 -32.64 17.02
CA ASN B 178 -10.26 -31.62 18.01
C ASN B 178 -9.71 -30.34 17.45
N GLY B 179 -9.66 -30.20 16.11
CA GLY B 179 -9.14 -29.00 15.50
C GLY B 179 -10.05 -27.83 15.77
N ILE B 180 -9.50 -26.64 15.56
CA ILE B 180 -10.26 -25.41 15.68
C ILE B 180 -9.98 -24.46 14.53
N ILE B 181 -10.97 -23.59 14.32
CA ILE B 181 -10.81 -22.40 13.49
C ILE B 181 -10.70 -21.20 14.42
N VAL B 182 -9.75 -20.31 14.12
CA VAL B 182 -9.69 -19.05 14.85
C VAL B 182 -9.89 -17.91 13.85
N ILE B 183 -10.84 -17.03 14.18
CA ILE B 183 -10.98 -15.76 13.49
C ILE B 183 -10.44 -14.67 14.39
N LYS B 184 -9.56 -13.83 13.86
CA LYS B 184 -9.13 -12.65 14.61
C LYS B 184 -9.19 -11.45 13.67
N ASP B 185 -9.99 -10.46 14.03
CA ASP B 185 -10.24 -9.37 13.08
C ASP B 185 -10.84 -8.15 13.71
N ASN B 186 -10.91 -7.11 12.89
CA ASN B 186 -11.53 -5.87 13.24
C ASN B 186 -13.03 -6.07 13.41
N MET B 187 -13.62 -5.39 14.40
CA MET B 187 -15.03 -5.44 14.66
C MET B 187 -15.60 -4.02 14.69
N ALA B 188 -16.77 -3.85 14.10
CA ALA B 188 -17.45 -2.56 14.12
C ALA B 188 -18.25 -2.44 15.38
N GLN B 189 -18.41 -1.23 15.88
CA GLN B 189 -19.28 -0.99 17.03
C GLN B 189 -20.73 -1.39 16.68
N GLU B 190 -21.19 -1.08 15.47
CA GLU B 190 -22.57 -1.42 15.09
C GLU B 190 -22.72 -1.57 13.56
N GLY B 191 -23.41 -2.64 13.15
CA GLY B 191 -23.69 -2.91 11.74
C GLY B 191 -22.50 -3.37 10.92
N VAL B 192 -22.54 -3.03 9.63
CA VAL B 192 -21.57 -3.43 8.63
C VAL B 192 -21.13 -2.19 7.88
N ILE B 193 -19.83 -1.90 7.91
CA ILE B 193 -19.30 -0.62 7.42
C ILE B 193 -18.35 -0.92 6.29
N LEU B 194 -18.58 -0.30 5.12
CA LEU B 194 -17.71 -0.43 3.97
C LEU B 194 -16.54 0.58 4.09
N ASP B 195 -15.35 0.05 3.91
CA ASP B 195 -14.15 0.83 3.62
C ASP B 195 -13.89 0.83 2.09
N ASP B 196 -14.20 1.94 1.43
CA ASP B 196 -14.02 1.94 -0.04
CA ASP B 196 -14.03 2.14 -0.04
C ASP B 196 -12.54 2.24 -0.44
N VAL B 197 -11.67 2.46 0.51
CA VAL B 197 -10.25 2.67 0.22
C VAL B 197 -9.56 1.33 -0.10
N ASP B 198 -9.77 0.31 0.73
CA ASP B 198 -9.19 -1.02 0.49
C ASP B 198 -10.21 -2.08 0.03
N SER B 199 -11.49 -1.68 -0.06
CA SER B 199 -12.52 -2.58 -0.58
C SER B 199 -12.73 -3.75 0.36
N SER B 200 -13.10 -3.39 1.58
CA SER B 200 -13.35 -4.34 2.67
C SER B 200 -14.52 -3.84 3.53
N VAL B 201 -15.06 -4.74 4.37
CA VAL B 201 -16.02 -4.34 5.36
C VAL B 201 -15.51 -4.69 6.75
N CYS B 202 -16.12 -4.00 7.71
N CYS B 202 -16.00 -4.02 7.79
CA CYS B 202 -16.02 -4.28 9.15
CA CYS B 202 -15.96 -4.65 9.13
C CYS B 202 -17.43 -4.62 9.68
C CYS B 202 -17.35 -4.64 9.70
N ARG B 203 -17.57 -5.66 10.51
CA ARG B 203 -18.90 -6.07 10.99
C ARG B 203 -18.97 -6.05 12.51
N ASP B 204 -20.15 -5.81 13.07
CA ASP B 204 -20.27 -5.88 14.52
C ASP B 204 -20.29 -7.35 15.01
N LEU B 205 -20.15 -7.50 16.32
CA LEU B 205 -20.05 -8.80 16.95
C LEU B 205 -21.26 -9.70 16.65
N ASP B 206 -22.46 -9.11 16.67
CA ASP B 206 -23.69 -9.87 16.43
C ASP B 206 -23.68 -10.44 15.01
N VAL B 207 -23.24 -9.64 14.03
CA VAL B 207 -23.22 -10.08 12.64
C VAL B 207 -22.22 -11.24 12.49
N VAL B 208 -21.06 -11.08 13.08
CA VAL B 208 -20.03 -12.14 13.03
C VAL B 208 -20.53 -13.43 13.67
N ARG B 209 -21.07 -13.32 14.85
CA ARG B 209 -21.63 -14.51 15.52
C ARG B 209 -22.74 -15.17 14.69
N ARG B 210 -23.61 -14.37 14.07
CA ARG B 210 -24.66 -14.91 13.19
C ARG B 210 -24.06 -15.72 12.02
N ILE B 211 -22.98 -15.20 11.43
CA ILE B 211 -22.33 -15.86 10.30
C ILE B 211 -21.67 -17.15 10.75
N ILE B 212 -21.04 -17.11 11.91
CA ILE B 212 -20.44 -18.29 12.50
C ILE B 212 -21.48 -19.38 12.70
N CYS B 213 -22.62 -19.01 13.27
CA CYS B 213 -23.69 -19.95 13.52
C CYS B 213 -24.23 -20.51 12.18
N SER B 214 -24.38 -19.66 11.16
CA SER B 214 -24.88 -20.15 9.87
C SER B 214 -23.94 -21.19 9.21
N ALA B 215 -22.65 -21.12 9.54
CA ALA B 215 -21.65 -22.07 9.05
C ALA B 215 -21.64 -23.41 9.83
N GLY B 216 -22.49 -23.55 10.84
CA GLY B 216 -22.61 -24.79 11.63
C GLY B 216 -21.43 -24.94 12.58
N LEU B 217 -20.85 -23.82 12.98
CA LEU B 217 -19.76 -23.80 13.94
C LEU B 217 -20.24 -23.35 15.28
N SER B 218 -19.57 -23.84 16.33
CA SER B 218 -19.84 -23.46 17.70
C SER B 218 -18.74 -22.55 18.20
N LEU B 219 -19.11 -21.62 19.07
CA LEU B 219 -18.19 -20.66 19.62
C LEU B 219 -17.56 -21.22 20.90
N LEU B 220 -16.25 -21.46 20.89
CA LEU B 220 -15.53 -22.04 22.03
C LEU B 220 -15.01 -20.97 22.94
N ALA B 221 -14.57 -19.85 22.39
CA ALA B 221 -14.02 -18.77 23.21
C ALA B 221 -14.03 -17.52 22.38
N GLU B 222 -14.15 -16.40 23.08
CA GLU B 222 -14.15 -15.09 22.46
C GLU B 222 -13.31 -14.18 23.37
N GLU B 223 -12.47 -13.36 22.74
CA GLU B 223 -11.59 -12.49 23.50
C GLU B 223 -11.29 -11.19 22.77
N ARG B 224 -11.43 -10.08 23.50
CA ARG B 224 -11.04 -8.79 22.92
C ARG B 224 -9.53 -8.58 23.06
N GLN B 225 -8.90 -8.08 22.01
CA GLN B 225 -7.47 -7.77 22.04
C GLN B 225 -7.23 -6.49 22.89
N GLU B 226 -6.33 -6.62 23.85
CA GLU B 226 -5.93 -5.52 24.75
CA GLU B 226 -5.99 -5.47 24.71
C GLU B 226 -4.79 -4.69 24.17
N ASN B 227 -4.57 -3.52 24.75
CA ASN B 227 -3.38 -2.72 24.50
C ASN B 227 -3.22 -2.21 23.10
N LEU B 228 -4.34 -1.96 22.42
CA LEU B 228 -4.28 -1.42 21.09
C LEU B 228 -4.43 0.09 21.15
N PRO B 229 -3.91 0.79 20.14
CA PRO B 229 -4.15 2.24 20.04
C PRO B 229 -5.64 2.56 20.08
N ASP B 230 -5.99 3.65 20.73
CA ASP B 230 -7.40 4.00 20.92
C ASP B 230 -8.13 4.27 19.61
N GLU B 231 -7.42 4.71 18.59
CA GLU B 231 -8.08 5.20 17.38
C GLU B 231 -8.52 4.13 16.39
N ILE B 232 -8.11 2.88 16.61
CA ILE B 232 -8.41 1.82 15.66
C ILE B 232 -9.63 0.98 16.06
N TYR B 233 -10.22 0.28 15.08
CA TYR B 233 -11.32 -0.64 15.37
C TYR B 233 -10.87 -1.64 16.46
N HIS B 234 -11.78 -1.98 17.37
CA HIS B 234 -11.52 -3.05 18.31
C HIS B 234 -11.30 -4.36 17.57
N VAL B 235 -10.47 -5.24 18.16
CA VAL B 235 -10.13 -6.47 17.54
C VAL B 235 -10.51 -7.61 18.46
N TYR B 236 -11.17 -8.62 17.89
CA TYR B 236 -11.62 -9.80 18.68
C TYR B 236 -11.12 -11.08 18.04
N SER B 237 -10.87 -12.08 18.90
CA SER B 237 -10.54 -13.40 18.54
C SER B 237 -11.70 -14.34 18.94
N PHE B 238 -11.98 -15.29 18.06
CA PHE B 238 -13.05 -16.27 18.18
C PHE B 238 -12.44 -17.63 17.88
N ALA B 239 -12.57 -18.60 18.77
CA ALA B 239 -12.15 -19.99 18.52
C ALA B 239 -13.41 -20.78 18.28
N LEU B 240 -13.41 -21.61 17.26
CA LEU B 240 -14.62 -22.24 16.75
C LEU B 240 -14.33 -23.70 16.37
N ARG B 241 -15.36 -24.54 16.45
CA ARG B 241 -15.34 -25.83 15.73
C ARG B 241 -16.72 -26.36 15.46
O 5JP C 1 7.76 13.58 1.75
C 5JP C 1 7.64 12.45 1.23
CA 5JP C 1 8.81 11.81 0.59
CB 5JP C 1 9.38 10.84 1.64
OG 5JP C 1 10.54 10.17 1.20
N 5JP C 1 9.88 12.79 0.25
CN 5JP C 1 10.57 12.64 -1.04
N PRO C 2 6.50 11.73 1.33
CA PRO C 2 5.47 12.18 2.28
C PRO C 2 6.12 12.30 3.65
N LYS C 3 5.70 13.28 4.44
CA LYS C 3 6.35 13.55 5.72
C LYS C 3 5.52 14.34 6.71
N ARG C 4 5.84 14.15 8.00
CA ARG C 4 5.19 14.84 9.11
CA ARG C 4 5.18 14.85 9.10
C ARG C 4 5.31 16.37 8.92
N ILE C 5 4.22 17.08 9.15
CA ILE C 5 4.24 18.55 9.13
C ILE C 5 5.18 18.99 10.26
N ALA C 6 6.21 19.75 9.91
CA ALA C 6 7.16 20.26 10.91
C ALA C 6 6.52 21.32 11.80
O 5JP D 1 -7.15 -3.37 9.45
C 5JP D 1 -6.01 -3.82 9.58
CA 5JP D 1 -5.31 -4.35 8.36
CB 5JP D 1 -4.39 -3.24 7.87
OG 5JP D 1 -3.56 -3.65 6.77
N 5JP D 1 -6.23 -4.70 7.27
CN 5JP D 1 -6.05 -5.97 6.52
N PRO D 2 -5.35 -3.81 10.75
CA PRO D 2 -5.86 -2.86 11.76
C PRO D 2 -5.96 -1.47 11.13
N LYS D 3 -6.96 -0.69 11.52
CA LYS D 3 -7.15 0.61 10.89
C LYS D 3 -7.96 1.60 11.74
N ARG D 4 -7.77 2.88 11.45
CA ARG D 4 -8.52 3.96 12.10
CA ARG D 4 -8.51 3.92 12.15
C ARG D 4 -10.02 3.77 11.92
N ILE D 5 -10.80 4.05 12.98
CA ILE D 5 -12.26 3.99 12.91
C ILE D 5 -12.67 5.19 12.06
N ALA D 6 -13.43 4.92 11.00
CA ALA D 6 -13.81 5.97 10.06
C ALA D 6 -14.75 6.96 10.71
N SAH E . 9.02 9.72 -6.84
CA SAH E . 9.35 8.39 -6.25
CB SAH E . 10.50 8.48 -5.21
CG SAH E . 10.28 9.53 -4.12
SD SAH E . 11.69 9.67 -3.01
C SAH E . 8.15 7.83 -5.58
O SAH E . 7.16 8.57 -5.30
OXT SAH E . 8.16 6.63 -5.23
C5' SAH E . 12.56 11.08 -3.72
C4' SAH E . 13.40 10.74 -4.92
O4' SAH E . 13.97 11.97 -5.42
C3' SAH E . 14.59 9.80 -4.63
O3' SAH E . 14.62 8.69 -5.55
C2' SAH E . 15.82 10.69 -4.84
O2' SAH E . 17.00 10.07 -5.34
C1' SAH E . 15.29 11.66 -5.88
N9 SAH E . 15.98 12.96 -5.98
C8 SAH E . 16.31 13.81 -4.99
N7 SAH E . 16.82 14.96 -5.50
C5 SAH E . 16.82 14.83 -6.84
C6 SAH E . 17.22 15.68 -7.98
N6 SAH E . 17.75 16.90 -7.73
N1 SAH E . 17.02 15.21 -9.24
C2 SAH E . 16.48 13.97 -9.46
N3 SAH E . 16.12 13.14 -8.47
C4 SAH E . 16.25 13.52 -7.16
C1 GOL F . 9.39 17.88 -0.23
O1 GOL F . 8.42 18.10 0.78
C2 GOL F . 9.28 16.51 -0.85
O2 GOL F . 9.89 15.55 -0.03
C3 GOL F . 9.98 16.48 -2.22
O3 GOL F . 9.31 17.31 -3.14
C1 GOL G . 13.85 13.87 6.75
O1 GOL G . 13.68 13.39 8.10
C2 GOL G . 12.48 13.86 6.08
O2 GOL G . 11.63 14.82 6.73
C3 GOL G . 11.86 12.47 6.19
O3 GOL G . 10.83 12.31 5.21
C1 GOL H . 13.35 2.11 -28.34
O1 GOL H . 12.70 1.06 -27.65
C2 GOL H . 12.39 3.05 -29.09
O2 GOL H . 11.50 3.78 -28.25
C3 GOL H . 13.23 4.08 -29.82
O3 GOL H . 12.45 4.57 -30.93
UNK UNX I . 22.14 29.95 -7.77
UNK UNX J . 0.47 -0.29 -23.10
UNK UNX K . 6.65 27.99 -24.26
UNK UNX L . 8.86 -5.92 -3.68
UNK UNX M . 14.94 36.62 -2.33
UNK UNX N . 5.97 -2.76 -3.75
UNK UNX O . 22.34 27.39 -10.27
UNK UNX P . 9.25 25.33 -23.05
UNK UNX Q . -4.64 21.92 1.57
UNK UNX R . 15.48 30.29 -7.36
UNK UNX S . 10.91 -1.86 4.13
UNK UNX T . 1.47 22.79 6.18
UNK UNX U . -10.66 8.69 -14.05
UNK UNX V . 21.93 2.29 -13.64
UNK UNX W . 23.57 20.63 -9.52
UNK UNX X . -6.04 3.31 5.27
UNK UNX Y . -2.56 23.15 1.11
UNK UNX Z . 13.87 5.46 5.25
UNK UNX AA . 19.44 23.87 -19.13
UNK UNX BA . 20.14 21.86 -17.55
UNK UNX CA . 11.05 10.07 -29.07
UNK UNX DA . -10.07 16.36 -16.33
N SAH EA . -3.28 -11.93 7.90
CA SAH EA . -1.95 -11.30 7.64
CB SAH EA . -2.06 -10.24 6.52
CG SAH EA . -3.08 -9.13 6.77
SD SAH EA . -3.21 -7.99 5.39
C SAH EA . -1.45 -10.68 8.90
O SAH EA . -0.25 -10.34 8.96
OXT SAH EA . -2.25 -10.45 9.83
C5' SAH EA . -4.59 -8.65 4.48
C4' SAH EA . -4.27 -9.87 3.63
O4' SAH EA . -5.49 -10.32 3.00
C3' SAH EA . -3.28 -9.61 2.48
O3' SAH EA . -2.18 -10.50 2.51
C2' SAH EA . -4.12 -9.78 1.22
O2' SAH EA . -3.44 -10.24 0.07
C1' SAH EA . -5.14 -10.77 1.69
N9 SAH EA . -6.42 -10.85 1.00
C8 SAH EA . -7.27 -9.85 0.69
N7 SAH EA . -8.41 -10.36 0.12
C5 SAH EA . -8.26 -11.69 0.11
C6 SAH EA . -9.10 -12.82 -0.33
N6 SAH EA . -10.30 -12.54 -0.86
N1 SAH EA . -8.62 -14.07 -0.19
C2 SAH EA . -7.39 -14.32 0.33
N3 SAH EA . -6.57 -13.34 0.74
C4 SAH EA . -6.97 -12.03 0.68
C1 GOL FA . -11.41 -5.21 7.54
O1 GOL FA . -11.65 -4.24 8.57
C2 GOL FA . -10.03 -5.88 7.68
O2 GOL FA . -8.99 -5.04 7.17
C3 GOL FA . -10.03 -7.18 6.91
O3 GOL FA . -10.80 -8.21 7.57
UNK UNX GA . -8.36 2.32 4.86
UNK UNX HA . -16.10 -3.94 21.39
UNK UNX IA . -1.36 -30.73 21.66
UNK UNX JA . -15.37 -29.53 14.20
UNK UNX KA . -18.91 -2.54 -5.02
UNK UNX LA . -6.60 -21.74 29.94
UNK UNX LA . -10.49 -23.16 26.68
UNK UNX MA . -9.12 -14.02 -7.40
UNK UNX NA . -3.19 -11.06 25.84
UNK UNX OA . -0.89 -1.04 4.17
UNK UNX PA . 6.46 -28.23 16.15
UNK UNX QA . -18.23 -2.29 -2.41
#